data_5AXR
#
_entry.id   5AXR
#
_cell.length_a   67.112
_cell.length_b   67.112
_cell.length_c   46.717
_cell.angle_alpha   90.00
_cell.angle_beta   90.00
_cell.angle_gamma   120.00
#
_symmetry.space_group_name_H-M   'P 31'
#
loop_
_entity.id
_entity.type
_entity.pdbx_description
1 polymer Metallo-beta-lactamase
2 non-polymer 'ZINC ION'
3 non-polymer 'SODIUM ION'
4 non-polymer '1-THIOETHANESULFONIC ACID'
5 water water
#
_entity_poly.entity_id   1
_entity_poly.type   'polypeptide(L)'
_entity_poly.pdbx_seq_one_letter_code
;QDRDWSSPQQPFTIYGNTHYVGTGGISAVLLSSPQGHILVDGTTEKGAQVVAANIRAMGFKLSDVKYILSTHSHEDHAGG
ISAMQKLTGATVLAGAANVDTLRTGVSPKSDPQFGSLSNFPGSAKVRAVADGELVKLGPLAVKAHATPGHTEGGITWTWQ
SCEQGKCKDVVFADSLTAVSADSYRFSDHPEVVASLRGSFEAVEKLSCDIAIAAHPEVNDMWTRQQRAAKEGNSAYVDNG
ACRAIAAAGRKRLETRLASEKR
;
_entity_poly.pdbx_strand_id   A
#
loop_
_chem_comp.id
_chem_comp.type
_chem_comp.name
_chem_comp.formula
COM non-polymer '1-THIOETHANESULFONIC ACID' 'C2 H6 O3 S2'
NA non-polymer 'SODIUM ION' 'Na 1'
ZN non-polymer 'ZINC ION' 'Zn 2'
#
# COMPACT_ATOMS: atom_id res chain seq x y z
N ARG A 3 -10.57 15.20 0.45
CA ARG A 3 -9.81 13.93 0.23
C ARG A 3 -8.52 13.94 1.03
N ASP A 4 -8.67 14.22 2.32
CA ASP A 4 -7.57 14.07 3.23
C ASP A 4 -7.48 12.61 3.67
N TRP A 5 -6.41 12.33 4.39
CA TRP A 5 -5.96 10.96 4.61
C TRP A 5 -6.94 10.13 5.44
N SER A 6 -7.82 10.80 6.19
CA SER A 6 -8.77 10.11 7.07
C SER A 6 -10.23 10.24 6.60
N SER A 7 -10.48 10.80 5.42
CA SER A 7 -11.85 11.13 5.04
C SER A 7 -12.66 9.90 4.59
N PRO A 8 -13.96 9.86 4.96
CA PRO A 8 -14.85 8.80 4.55
C PRO A 8 -14.93 8.71 3.05
N GLN A 9 -14.97 7.48 2.54
CA GLN A 9 -15.01 7.22 1.12
C GLN A 9 -15.86 5.95 0.92
N GLN A 10 -16.97 6.08 0.20
CA GLN A 10 -17.81 4.92 -0.14
C GLN A 10 -16.97 3.87 -0.89
N PRO A 11 -16.89 2.66 -0.33
CA PRO A 11 -16.02 1.64 -0.89
C PRO A 11 -16.57 1.08 -2.21
N PHE A 12 -15.71 0.41 -2.98
CA PHE A 12 -16.10 -0.07 -4.29
C PHE A 12 -15.20 -1.21 -4.73
N THR A 13 -15.75 -2.07 -5.57
CA THR A 13 -14.96 -3.10 -6.24
C THR A 13 -14.10 -2.49 -7.35
N ILE A 14 -12.83 -2.84 -7.34
CA ILE A 14 -11.89 -2.42 -8.38
C ILE A 14 -11.91 -3.47 -9.48
N TYR A 15 -11.68 -4.73 -9.12
CA TYR A 15 -11.68 -5.79 -10.15
C TYR A 15 -11.83 -7.15 -9.52
N GLY A 16 -12.92 -7.85 -9.82
CA GLY A 16 -13.14 -9.22 -9.34
C GLY A 16 -13.31 -9.25 -7.82
N ASN A 17 -12.37 -9.89 -7.13
CA ASN A 17 -12.37 -9.90 -5.66
C ASN A 17 -11.45 -8.84 -5.02
N THR A 18 -10.98 -7.88 -5.82
CA THR A 18 -10.18 -6.75 -5.32
C THR A 18 -11.07 -5.55 -5.10
N HIS A 19 -11.22 -5.15 -3.83
CA HIS A 19 -12.09 -4.05 -3.45
C HIS A 19 -11.29 -2.93 -2.80
N TYR A 20 -11.69 -1.68 -3.09
CA TYR A 20 -11.13 -0.50 -2.41
C TYR A 20 -11.99 -0.22 -1.16
N VAL A 21 -11.32 -0.23 0.00
CA VAL A 21 -11.98 0.03 1.28
C VAL A 21 -11.24 1.11 2.07
N GLY A 22 -10.38 1.89 1.39
CA GLY A 22 -9.63 2.98 2.00
C GLY A 22 -10.40 4.26 2.24
N THR A 23 -9.64 5.30 2.58
CA THR A 23 -10.18 6.64 2.79
C THR A 23 -10.20 7.42 1.48
N GLY A 24 -10.59 8.67 1.54
CA GLY A 24 -10.58 9.51 0.35
C GLY A 24 -9.17 9.83 -0.11
N GLY A 25 -8.20 9.74 0.81
CA GLY A 25 -6.81 10.11 0.49
C GLY A 25 -5.74 9.03 0.53
N ILE A 26 -6.04 7.90 1.19
CA ILE A 26 -5.11 6.77 1.35
C ILE A 26 -5.78 5.44 0.95
N SER A 27 -5.05 4.67 0.15
CA SER A 27 -5.54 3.39 -0.33
C SER A 27 -5.49 2.31 0.73
N ALA A 28 -6.58 1.55 0.77
CA ALA A 28 -6.60 0.25 1.42
C ALA A 28 -7.49 -0.68 0.58
N VAL A 29 -7.09 -1.93 0.49
CA VAL A 29 -7.67 -2.86 -0.43
C VAL A 29 -7.99 -4.14 0.30
N LEU A 30 -9.23 -4.60 0.13
CA LEU A 30 -9.64 -5.89 0.66
C LEU A 30 -9.65 -6.90 -0.48
N LEU A 31 -8.81 -7.91 -0.38
CA LEU A 31 -8.81 -9.05 -1.30
C LEU A 31 -9.61 -10.21 -0.73
N SER A 32 -10.76 -10.51 -1.34
CA SER A 32 -11.75 -11.34 -0.66
C SER A 32 -11.76 -12.77 -1.20
N SER A 33 -12.19 -13.71 -0.35
CA SER A 33 -12.46 -15.09 -0.75
C SER A 33 -13.50 -15.70 0.17
N PRO A 34 -14.17 -16.75 -0.30
CA PRO A 34 -15.04 -17.47 0.63
C PRO A 34 -14.26 -18.10 1.78
N GLN A 35 -12.92 -18.11 1.75
CA GLN A 35 -12.12 -18.61 2.91
C GLN A 35 -11.64 -17.56 3.91
N GLY A 36 -11.93 -16.30 3.61
CA GLY A 36 -11.30 -15.22 4.31
C GLY A 36 -10.59 -14.28 3.36
N HIS A 37 -10.18 -13.15 3.94
CA HIS A 37 -9.78 -11.97 3.21
C HIS A 37 -8.42 -11.46 3.68
N ILE A 38 -7.74 -10.76 2.78
CA ILE A 38 -6.49 -10.07 3.08
C ILE A 38 -6.75 -8.60 2.92
N LEU A 39 -6.41 -7.84 3.96
CA LEU A 39 -6.42 -6.40 3.86
C LEU A 39 -5.02 -5.87 3.66
N VAL A 40 -4.90 -4.94 2.73
CA VAL A 40 -3.63 -4.25 2.49
C VAL A 40 -3.75 -2.81 2.99
N ASP A 41 -2.94 -2.51 4.01
CA ASP A 41 -2.82 -1.19 4.64
C ASP A 41 -3.99 -0.81 5.54
N GLY A 42 -3.74 0.10 6.48
CA GLY A 42 -4.76 0.46 7.47
C GLY A 42 -5.19 1.93 7.47
N THR A 43 -4.60 2.71 6.56
CA THR A 43 -4.68 4.17 6.53
C THR A 43 -4.22 4.79 7.88
N THR A 44 -4.79 5.90 8.28
CA THR A 44 -4.33 6.63 9.43
C THR A 44 -4.98 6.05 10.67
N GLU A 45 -4.56 6.56 11.82
CA GLU A 45 -5.15 6.06 13.03
C GLU A 45 -6.64 6.36 13.03
N LYS A 46 -7.04 7.55 12.58
CA LYS A 46 -8.46 7.87 12.51
C LYS A 46 -9.17 7.26 11.29
N GLY A 47 -8.43 7.00 10.23
CA GLY A 47 -8.98 6.29 9.08
C GLY A 47 -9.36 4.85 9.37
N ALA A 48 -8.78 4.22 10.38
CA ALA A 48 -9.10 2.85 10.66
C ALA A 48 -10.63 2.65 10.78
N GLN A 49 -11.32 3.60 11.40
CA GLN A 49 -12.76 3.47 11.60
C GLN A 49 -13.54 3.60 10.25
N VAL A 50 -12.95 4.32 9.30
CA VAL A 50 -13.42 4.33 7.92
C VAL A 50 -13.18 2.96 7.25
N VAL A 51 -11.97 2.43 7.38
CA VAL A 51 -11.66 1.13 6.77
C VAL A 51 -12.62 0.05 7.27
N ALA A 52 -12.79 -0.02 8.60
CA ALA A 52 -13.68 -1.00 9.21
C ALA A 52 -15.14 -0.87 8.69
N ALA A 53 -15.63 0.36 8.62
CA ALA A 53 -16.98 0.63 8.14
C ALA A 53 -17.10 0.26 6.65
N ASN A 54 -16.06 0.55 5.87
CA ASN A 54 -16.05 0.21 4.47
C ASN A 54 -16.04 -1.31 4.18
N ILE A 55 -15.32 -2.08 4.98
CA ILE A 55 -15.32 -3.54 4.84
C ILE A 55 -16.72 -4.11 5.11
N ARG A 56 -17.36 -3.63 6.17
CA ARG A 56 -18.72 -4.04 6.52
C ARG A 56 -19.72 -3.56 5.48
N ALA A 57 -19.57 -2.34 4.97
CA ALA A 57 -20.43 -1.88 3.88
C ALA A 57 -20.32 -2.68 2.57
N MET A 58 -19.16 -3.28 2.31
CA MET A 58 -19.02 -4.11 1.13
C MET A 58 -19.67 -5.48 1.37
N GLY A 59 -20.18 -5.71 2.59
CA GLY A 59 -20.84 -6.97 2.93
C GLY A 59 -19.89 -8.06 3.40
N PHE A 60 -18.80 -7.67 4.04
CA PHE A 60 -17.89 -8.64 4.63
C PHE A 60 -17.84 -8.50 6.15
N LYS A 61 -17.29 -9.51 6.80
CA LYS A 61 -17.12 -9.54 8.25
C LYS A 61 -15.67 -9.32 8.62
N LEU A 62 -15.45 -8.48 9.64
CA LEU A 62 -14.09 -8.13 10.07
C LEU A 62 -13.34 -9.37 10.55
N SER A 63 -14.07 -10.31 11.13
CA SER A 63 -13.45 -11.51 11.68
C SER A 63 -12.95 -12.46 10.58
N ASP A 64 -13.39 -12.25 9.35
CA ASP A 64 -12.89 -13.03 8.20
C ASP A 64 -11.59 -12.52 7.60
N VAL A 65 -11.16 -11.34 8.02
CA VAL A 65 -9.87 -10.82 7.63
C VAL A 65 -8.75 -11.54 8.40
N LYS A 66 -7.89 -12.28 7.69
CA LYS A 66 -6.87 -13.14 8.34
C LYS A 66 -5.48 -12.56 8.27
N TYR A 67 -5.20 -11.78 7.22
CA TYR A 67 -3.92 -11.06 7.12
C TYR A 67 -4.14 -9.57 6.88
N ILE A 68 -3.25 -8.76 7.46
CA ILE A 68 -3.09 -7.38 7.07
C ILE A 68 -1.70 -7.18 6.50
N LEU A 69 -1.62 -6.73 5.26
CA LEU A 69 -0.32 -6.48 4.65
C LEU A 69 0.02 -5.01 4.71
N SER A 70 1.27 -4.70 5.06
CA SER A 70 1.72 -3.31 5.13
C SER A 70 2.66 -2.99 3.97
N THR A 71 2.40 -1.89 3.27
CA THR A 71 3.32 -1.40 2.24
C THR A 71 4.55 -0.78 2.91
N HIS A 72 4.32 0.27 3.69
CA HIS A 72 5.35 0.81 4.55
C HIS A 72 4.78 1.47 5.78
N SER A 73 5.69 1.70 6.73
CA SER A 73 5.31 2.01 8.09
C SER A 73 5.32 3.51 8.36
N HIS A 74 4.67 4.30 7.53
CA HIS A 74 4.38 5.68 7.87
C HIS A 74 2.95 5.73 8.36
N GLU A 75 2.64 6.80 9.12
CA GLU A 75 1.39 6.91 9.86
C GLU A 75 0.17 6.96 8.97
N ASP A 76 0.35 7.56 7.80
CA ASP A 76 -0.76 7.68 6.88
C ASP A 76 -1.21 6.36 6.25
N HIS A 77 -0.35 5.33 6.27
CA HIS A 77 -0.69 4.01 5.71
C HIS A 77 -0.85 2.95 6.79
N ALA A 78 -0.06 3.09 7.86
CA ALA A 78 0.06 2.10 8.89
C ALA A 78 -0.61 2.56 10.20
N GLY A 79 -0.95 3.83 10.30
CA GLY A 79 -1.45 4.36 11.57
C GLY A 79 -2.68 3.63 12.05
N GLY A 80 -3.47 3.14 11.08
CA GLY A 80 -4.70 2.43 11.37
C GLY A 80 -4.58 0.92 11.58
N ILE A 81 -3.40 0.37 11.31
CA ILE A 81 -3.23 -1.09 11.36
C ILE A 81 -3.46 -1.74 12.74
N SER A 82 -3.02 -1.11 13.82
CA SER A 82 -3.19 -1.71 15.16
C SER A 82 -4.67 -1.93 15.46
N ALA A 83 -5.47 -0.91 15.14
CA ALA A 83 -6.90 -0.93 15.35
C ALA A 83 -7.56 -1.98 14.48
N MET A 84 -7.13 -2.05 13.23
CA MET A 84 -7.67 -3.06 12.33
C MET A 84 -7.27 -4.45 12.80
N GLN A 85 -6.05 -4.58 13.29
CA GLN A 85 -5.59 -5.88 13.78
C GLN A 85 -6.45 -6.33 14.96
N LYS A 86 -6.76 -5.39 15.84
CA LYS A 86 -7.56 -5.69 17.00
C LYS A 86 -8.98 -6.04 16.62
N LEU A 87 -9.52 -5.35 15.62
CA LEU A 87 -10.87 -5.65 15.15
C LEU A 87 -10.98 -6.98 14.41
N THR A 88 -9.92 -7.41 13.73
CA THR A 88 -9.96 -8.59 12.88
C THR A 88 -9.41 -9.83 13.55
N GLY A 89 -8.38 -9.65 14.39
CA GLY A 89 -7.56 -10.77 14.87
C GLY A 89 -6.49 -11.18 13.87
N ALA A 90 -6.26 -10.36 12.84
CA ALA A 90 -5.37 -10.76 11.76
C ALA A 90 -3.93 -10.85 12.22
N THR A 91 -3.13 -11.52 11.42
CA THR A 91 -1.70 -11.32 11.45
C THR A 91 -1.29 -10.21 10.50
N VAL A 92 -0.28 -9.44 10.92
CA VAL A 92 0.27 -8.33 10.15
C VAL A 92 1.62 -8.69 9.54
N LEU A 93 1.71 -8.57 8.21
CA LEU A 93 2.93 -8.89 7.52
C LEU A 93 3.58 -7.65 6.98
N ALA A 94 4.91 -7.60 7.08
CA ALA A 94 5.67 -6.44 6.64
C ALA A 94 7.12 -6.79 6.27
N GLY A 95 7.78 -5.93 5.51
CA GLY A 95 9.18 -6.06 5.24
C GLY A 95 9.98 -6.02 6.55
N ALA A 96 11.02 -6.85 6.60
CA ALA A 96 11.78 -7.09 7.85
C ALA A 96 12.10 -5.79 8.56
N ALA A 97 12.54 -4.82 7.77
CA ALA A 97 13.02 -3.56 8.31
C ALA A 97 11.94 -2.62 8.80
N ASN A 98 10.67 -2.90 8.52
CA ASN A 98 9.61 -2.06 9.07
C ASN A 98 8.89 -2.75 10.23
N VAL A 99 9.24 -4.01 10.51
CA VAL A 99 8.52 -4.80 11.50
C VAL A 99 8.47 -4.10 12.87
N ASP A 100 9.60 -3.56 13.30
CA ASP A 100 9.67 -2.97 14.63
C ASP A 100 8.88 -1.69 14.74
N THR A 101 8.91 -0.88 13.68
CA THR A 101 8.11 0.33 13.63
C THR A 101 6.64 0.03 13.80
N LEU A 102 6.16 -1.06 13.19
CA LEU A 102 4.76 -1.43 13.28
C LEU A 102 4.39 -1.93 14.68
N ARG A 103 5.28 -2.72 15.27
CA ARG A 103 5.11 -3.19 16.65
C ARG A 103 5.08 -2.08 17.69
N THR A 104 5.88 -1.04 17.47
CA THR A 104 6.00 0.04 18.45
C THR A 104 5.31 1.32 18.02
N GLY A 105 5.12 1.50 16.71
CA GLY A 105 4.59 2.75 16.20
C GLY A 105 5.60 3.88 16.19
N VAL A 106 6.87 3.54 16.33
CA VAL A 106 7.96 4.52 16.36
C VAL A 106 8.93 4.23 15.23
N SER A 107 9.08 5.17 14.31
CA SER A 107 10.01 4.98 13.19
C SER A 107 11.45 4.89 13.71
N PRO A 108 12.34 4.24 12.92
CA PRO A 108 13.77 4.41 13.14
C PRO A 108 14.28 5.74 12.59
N LYS A 109 15.39 6.25 13.12
CA LYS A 109 15.86 7.57 12.73
C LYS A 109 16.50 7.55 11.34
N SER A 110 16.60 6.36 10.75
CA SER A 110 17.04 6.17 9.37
C SER A 110 15.92 6.51 8.36
N ASP A 111 14.69 6.60 8.85
CA ASP A 111 13.51 6.76 7.99
C ASP A 111 13.47 8.19 7.48
N PRO A 112 13.27 8.39 6.17
CA PRO A 112 13.30 9.77 5.70
C PRO A 112 12.31 10.68 6.44
N GLN A 113 11.23 10.10 6.96
CA GLN A 113 10.22 10.88 7.67
C GLN A 113 10.16 10.55 9.15
N PHE A 114 11.26 10.11 9.73
CA PHE A 114 11.35 10.14 11.18
C PHE A 114 11.18 11.58 11.64
N GLY A 115 10.31 11.81 12.61
CA GLY A 115 9.97 13.16 13.06
C GLY A 115 8.86 13.79 12.24
N SER A 116 9.08 13.90 10.92
CA SER A 116 8.16 14.62 10.02
C SER A 116 6.73 14.12 10.10
N LEU A 117 6.57 12.83 10.37
CA LEU A 117 5.27 12.27 10.73
C LEU A 117 5.34 11.84 12.20
N SER A 118 4.22 11.98 12.92
CA SER A 118 4.13 11.53 14.29
C SER A 118 4.20 10.00 14.39
N ASN A 119 4.44 9.52 15.61
CA ASN A 119 4.23 8.11 15.94
C ASN A 119 2.75 7.73 15.89
N PHE A 120 2.47 6.44 16.05
CA PHE A 120 1.12 5.95 16.00
C PHE A 120 1.03 4.67 16.83
N PRO A 121 -0.18 4.11 16.99
CA PRO A 121 -0.30 2.95 17.87
C PRO A 121 0.43 1.72 17.35
N GLY A 122 1.18 1.08 18.24
CA GLY A 122 1.85 -0.16 17.91
C GLY A 122 0.85 -1.29 17.75
N SER A 123 1.19 -2.26 16.92
CA SER A 123 0.29 -3.34 16.58
C SER A 123 0.80 -4.64 17.18
N ALA A 124 -0.13 -5.49 17.62
CA ALA A 124 0.15 -6.89 17.89
C ALA A 124 0.31 -7.75 16.61
N LYS A 125 0.92 -8.92 16.78
CA LYS A 125 0.92 -10.01 15.80
C LYS A 125 1.49 -9.60 14.45
N VAL A 126 2.68 -8.97 14.51
CA VAL A 126 3.45 -8.63 13.31
C VAL A 126 4.52 -9.69 13.08
N ARG A 127 4.75 -10.05 11.83
CA ARG A 127 6.01 -10.69 11.46
C ARG A 127 6.48 -10.33 10.05
N ALA A 128 7.76 -10.59 9.81
CA ALA A 128 8.38 -10.19 8.56
C ALA A 128 8.01 -11.15 7.44
N VAL A 129 7.85 -10.63 6.23
CA VAL A 129 7.91 -11.46 5.03
C VAL A 129 9.30 -11.39 4.40
N ALA A 130 9.65 -12.36 3.57
CA ALA A 130 10.84 -12.26 2.75
C ALA A 130 10.47 -11.68 1.42
N ASP A 131 11.44 -11.00 0.79
CA ASP A 131 11.37 -10.69 -0.63
C ASP A 131 10.98 -11.99 -1.32
N GLY A 132 10.01 -11.90 -2.23
CA GLY A 132 9.60 -13.03 -3.05
C GLY A 132 8.59 -13.94 -2.38
N GLU A 133 8.38 -13.79 -1.08
CA GLU A 133 7.52 -14.71 -0.34
C GLU A 133 6.05 -14.69 -0.83
N LEU A 134 5.41 -15.86 -0.86
CA LEU A 134 3.99 -15.98 -1.20
C LEU A 134 3.14 -16.10 0.05
N VAL A 135 2.21 -15.17 0.20
CA VAL A 135 1.23 -15.21 1.29
C VAL A 135 -0.03 -15.90 0.77
N LYS A 136 -0.45 -16.95 1.44
CA LYS A 136 -1.51 -17.80 0.96
C LYS A 136 -2.72 -17.84 1.89
N LEU A 137 -3.93 -17.79 1.33
CA LEU A 137 -5.15 -18.01 2.12
C LEU A 137 -6.27 -18.53 1.21
N GLY A 138 -6.57 -19.82 1.32
CA GLY A 138 -7.53 -20.43 0.43
C GLY A 138 -7.08 -20.21 -1.00
N PRO A 139 -7.96 -19.66 -1.83
CA PRO A 139 -7.55 -19.43 -3.20
C PRO A 139 -6.60 -18.25 -3.39
N LEU A 140 -6.34 -17.47 -2.34
CA LEU A 140 -5.58 -16.22 -2.50
C LEU A 140 -4.10 -16.51 -2.44
N ALA A 141 -3.33 -15.81 -3.27
CA ALA A 141 -1.89 -15.89 -3.24
C ALA A 141 -1.27 -14.53 -3.60
N VAL A 142 -0.61 -13.92 -2.63
CA VAL A 142 -0.10 -12.55 -2.76
C VAL A 142 1.42 -12.61 -2.59
N LYS A 143 2.15 -12.02 -3.52
CA LYS A 143 3.59 -12.07 -3.52
C LYS A 143 4.17 -10.75 -3.03
N ALA A 144 5.13 -10.83 -2.11
CA ALA A 144 5.89 -9.67 -1.67
C ALA A 144 7.03 -9.34 -2.61
N HIS A 145 7.18 -8.06 -2.91
CA HIS A 145 8.31 -7.54 -3.68
C HIS A 145 8.98 -6.42 -2.89
N ALA A 146 10.27 -6.58 -2.59
CA ALA A 146 11.00 -5.57 -1.83
C ALA A 146 11.14 -4.31 -2.65
N THR A 147 10.58 -3.21 -2.15
CA THR A 147 10.72 -1.92 -2.82
C THR A 147 11.12 -0.84 -1.82
N PRO A 148 12.35 -0.94 -1.30
CA PRO A 148 12.85 0.00 -0.32
C PRO A 148 13.18 1.35 -0.92
N GLY A 149 13.48 2.27 -0.02
CA GLY A 149 13.97 3.59 -0.39
C GLY A 149 13.15 4.66 0.27
N HIS A 150 11.83 4.62 0.07
CA HIS A 150 10.94 5.59 0.67
C HIS A 150 10.88 5.29 2.17
N THR A 151 10.93 4.01 2.49
CA THR A 151 11.37 3.48 3.78
C THR A 151 12.21 2.26 3.45
N GLU A 152 12.88 1.71 4.45
CA GLU A 152 13.80 0.62 4.23
C GLU A 152 13.07 -0.71 4.03
N GLY A 153 11.93 -0.88 4.69
CA GLY A 153 11.20 -2.14 4.61
C GLY A 153 9.96 -2.12 3.70
N GLY A 154 9.89 -1.15 2.79
CA GLY A 154 8.78 -1.06 1.82
C GLY A 154 8.56 -2.35 1.04
N ILE A 155 7.28 -2.78 0.92
CA ILE A 155 6.91 -3.96 0.11
C ILE A 155 5.79 -3.57 -0.84
N THR A 156 5.99 -3.85 -2.12
CA THR A 156 4.95 -3.80 -3.15
C THR A 156 4.38 -5.23 -3.31
N TRP A 157 3.04 -5.33 -3.27
CA TRP A 157 2.32 -6.59 -3.17
C TRP A 157 1.57 -6.87 -4.47
N THR A 158 1.64 -8.12 -4.93
CA THR A 158 1.00 -8.49 -6.20
C THR A 158 0.14 -9.74 -6.13
N TRP A 159 -0.90 -9.74 -6.96
CA TRP A 159 -1.76 -10.90 -7.11
C TRP A 159 -2.54 -10.89 -8.42
N GLN A 160 -3.42 -11.88 -8.56
CA GLN A 160 -4.31 -11.97 -9.71
C GLN A 160 -5.74 -12.03 -9.25
N SER A 161 -6.58 -11.21 -9.89
CA SER A 161 -8.02 -11.21 -9.67
C SER A 161 -8.74 -11.45 -11.01
N CYS A 162 -9.85 -12.18 -10.97
CA CYS A 162 -10.57 -12.56 -12.18
C CYS A 162 -12.01 -12.07 -12.07
N GLU A 163 -12.44 -11.38 -13.13
CA GLU A 163 -13.80 -10.92 -13.22
C GLU A 163 -14.43 -11.50 -14.46
N GLN A 164 -15.50 -12.28 -14.29
CA GLN A 164 -16.18 -12.92 -15.41
C GLN A 164 -15.24 -13.71 -16.32
N GLY A 165 -14.30 -14.43 -15.71
CA GLY A 165 -13.37 -15.27 -16.43
C GLY A 165 -12.12 -14.57 -16.91
N LYS A 166 -12.05 -13.26 -16.73
CA LYS A 166 -10.95 -12.49 -17.27
C LYS A 166 -9.99 -12.14 -16.13
N CYS A 167 -8.80 -12.74 -16.14
CA CYS A 167 -7.87 -12.64 -15.02
C CYS A 167 -6.84 -11.57 -15.28
N LYS A 168 -6.59 -10.72 -14.28
CA LYS A 168 -5.63 -9.61 -14.44
C LYS A 168 -4.64 -9.62 -13.29
N ASP A 169 -3.43 -9.12 -13.57
CA ASP A 169 -2.35 -8.99 -12.58
C ASP A 169 -2.46 -7.65 -11.89
N VAL A 170 -2.66 -7.70 -10.58
CA VAL A 170 -2.91 -6.50 -9.77
C VAL A 170 -1.66 -6.24 -8.95
N VAL A 171 -1.31 -4.97 -8.81
CA VAL A 171 -0.16 -4.53 -8.04
C VAL A 171 -0.62 -3.42 -7.09
N PHE A 172 -0.44 -3.64 -5.79
CA PHE A 172 -0.59 -2.59 -4.79
C PHE A 172 0.77 -1.94 -4.60
N ALA A 173 0.95 -0.78 -5.21
CA ALA A 173 2.28 -0.18 -5.34
C ALA A 173 2.62 0.65 -4.10
N ASP A 174 3.64 0.21 -3.37
CA ASP A 174 4.21 1.05 -2.34
C ASP A 174 4.74 2.35 -2.93
N SER A 175 4.84 3.36 -2.06
CA SER A 175 5.30 4.70 -2.44
C SER A 175 6.78 4.66 -2.86
N LEU A 176 7.08 5.33 -3.99
CA LEU A 176 8.43 5.37 -4.55
C LEU A 176 8.99 6.81 -4.52
N THR A 177 8.46 7.62 -3.61
CA THR A 177 8.67 9.06 -3.62
C THR A 177 9.82 9.49 -2.68
N ALA A 178 10.76 10.25 -3.23
CA ALA A 178 11.82 10.88 -2.45
C ALA A 178 11.26 12.07 -1.67
N VAL A 179 10.55 11.79 -0.58
CA VAL A 179 10.02 12.82 0.30
C VAL A 179 10.47 12.53 1.72
N SER A 180 10.54 13.58 2.53
CA SER A 180 11.13 13.47 3.86
C SER A 180 10.73 14.65 4.74
N ALA A 181 11.11 14.56 6.01
CA ALA A 181 11.31 15.76 6.84
C ALA A 181 12.15 16.82 6.13
N ASP A 182 11.85 18.09 6.40
CA ASP A 182 12.57 19.23 5.79
C ASP A 182 14.09 19.17 5.99
N SER A 183 14.49 18.59 7.11
CA SER A 183 15.89 18.55 7.48
C SER A 183 16.61 17.32 6.95
N TYR A 184 15.88 16.36 6.38
CA TYR A 184 16.51 15.13 5.87
C TYR A 184 16.96 15.39 4.46
N ARG A 185 18.14 14.88 4.11
CA ARG A 185 18.66 15.13 2.77
C ARG A 185 18.99 13.80 2.09
N PHE A 186 18.40 13.57 0.92
CA PHE A 186 18.68 12.32 0.19
C PHE A 186 20.13 12.36 -0.31
N SER A 187 20.64 13.56 -0.56
CA SER A 187 22.07 13.76 -0.87
C SER A 187 23.02 13.19 0.20
N ASP A 188 22.56 13.06 1.44
CA ASP A 188 23.42 12.57 2.52
C ASP A 188 23.21 11.10 2.82
N HIS A 189 22.38 10.43 2.01
CA HIS A 189 22.00 9.04 2.27
C HIS A 189 22.04 8.21 0.96
N PRO A 190 23.24 7.97 0.43
CA PRO A 190 23.40 7.42 -0.92
C PRO A 190 22.86 6.01 -1.07
N GLU A 191 22.84 5.27 0.03
CA GLU A 191 22.31 3.93 0.03
C GLU A 191 20.78 3.96 -0.08
N VAL A 192 20.15 4.97 0.54
CA VAL A 192 18.70 5.20 0.37
C VAL A 192 18.39 5.60 -1.07
N VAL A 193 19.22 6.44 -1.65
CA VAL A 193 19.05 6.80 -3.05
C VAL A 193 19.22 5.57 -3.96
N ALA A 194 20.22 4.74 -3.69
CA ALA A 194 20.46 3.56 -4.50
C ALA A 194 19.29 2.56 -4.41
N SER A 195 18.74 2.43 -3.22
CA SER A 195 17.57 1.57 -3.01
C SER A 195 16.40 1.99 -3.86
N LEU A 196 16.13 3.29 -3.81
CA LEU A 196 15.06 3.88 -4.58
C LEU A 196 15.21 3.56 -6.06
N ARG A 197 16.44 3.77 -6.57
CA ARG A 197 16.70 3.54 -7.98
C ARG A 197 16.46 2.07 -8.36
N GLY A 198 16.89 1.17 -7.50
CA GLY A 198 16.61 -0.25 -7.65
C GLY A 198 15.11 -0.51 -7.70
N SER A 199 14.37 0.19 -6.85
CA SER A 199 12.92 0.01 -6.76
C SER A 199 12.16 0.50 -7.99
N PHE A 200 12.58 1.63 -8.56
CA PHE A 200 12.00 2.10 -9.82
C PHE A 200 12.09 0.95 -10.81
N GLU A 201 13.28 0.37 -10.88
CA GLU A 201 13.52 -0.65 -11.87
C GLU A 201 12.68 -1.91 -11.60
N ALA A 202 12.63 -2.36 -10.35
CA ALA A 202 11.77 -3.49 -9.99
C ALA A 202 10.32 -3.30 -10.38
N VAL A 203 9.79 -2.12 -10.08
CA VAL A 203 8.37 -1.83 -10.29
C VAL A 203 8.02 -1.73 -11.78
N GLU A 204 8.91 -1.17 -12.59
CA GLU A 204 8.56 -0.96 -13.98
C GLU A 204 8.66 -2.29 -14.75
N LYS A 205 9.26 -3.31 -14.13
CA LYS A 205 9.26 -4.67 -14.67
C LYS A 205 8.10 -5.57 -14.27
N LEU A 206 7.33 -5.17 -13.27
CA LEU A 206 6.22 -5.99 -12.81
C LEU A 206 5.13 -6.18 -13.87
N SER A 207 4.55 -7.38 -13.93
CA SER A 207 3.28 -7.55 -14.64
C SER A 207 2.21 -6.79 -13.91
N CYS A 208 1.64 -5.85 -14.63
CA CYS A 208 0.92 -4.77 -14.02
C CYS A 208 -0.27 -4.35 -14.86
N ASP A 209 -1.33 -5.14 -14.81
CA ASP A 209 -2.59 -4.79 -15.46
C ASP A 209 -3.37 -3.71 -14.73
N ILE A 210 -3.46 -3.88 -13.41
CA ILE A 210 -4.13 -2.92 -12.53
C ILE A 210 -3.17 -2.49 -11.42
N ALA A 211 -2.91 -1.20 -11.35
CA ALA A 211 -2.08 -0.66 -10.27
C ALA A 211 -2.96 0.14 -9.31
N ILE A 212 -2.82 -0.16 -8.02
CA ILE A 212 -3.35 0.66 -6.96
C ILE A 212 -2.17 1.27 -6.20
N ALA A 213 -2.05 2.58 -6.27
CA ALA A 213 -0.96 3.31 -5.59
C ALA A 213 -1.38 3.66 -4.15
N ALA A 214 -0.45 3.48 -3.21
CA ALA A 214 -0.71 3.71 -1.79
C ALA A 214 -1.34 5.07 -1.58
N HIS A 215 -0.84 6.07 -2.31
CA HIS A 215 -1.60 7.31 -2.55
C HIS A 215 -2.40 7.18 -3.83
N PRO A 216 -3.72 7.02 -3.73
CA PRO A 216 -4.56 6.53 -4.83
C PRO A 216 -4.56 7.39 -6.08
N GLU A 217 -4.42 8.69 -5.91
CA GLU A 217 -4.36 9.61 -7.05
C GLU A 217 -3.06 9.47 -7.86
N VAL A 218 -2.08 8.76 -7.33
CA VAL A 218 -0.87 8.55 -8.09
C VAL A 218 -1.11 7.65 -9.32
N ASN A 219 -2.16 6.83 -9.32
CA ASN A 219 -2.62 6.19 -10.55
C ASN A 219 -4.06 6.55 -10.84
N ASP A 220 -4.46 7.75 -10.45
CA ASP A 220 -5.67 8.35 -10.99
C ASP A 220 -6.93 7.66 -10.47
N MET A 221 -6.88 7.11 -9.26
CA MET A 221 -7.96 6.24 -8.81
C MET A 221 -9.34 6.89 -9.00
N TRP A 222 -9.45 8.17 -8.67
CA TRP A 222 -10.78 8.80 -8.53
C TRP A 222 -11.38 9.11 -9.88
N THR A 223 -10.51 9.44 -10.82
CA THR A 223 -10.88 9.49 -12.22
C THR A 223 -11.37 8.13 -12.74
N ARG A 224 -10.59 7.08 -12.48
CA ARG A 224 -10.90 5.76 -13.02
C ARG A 224 -12.21 5.28 -12.47
N GLN A 225 -12.45 5.60 -11.20
CA GLN A 225 -13.59 5.08 -10.48
C GLN A 225 -14.88 5.72 -10.99
N GLN A 226 -14.81 7.01 -11.30
CA GLN A 226 -15.91 7.71 -11.95
C GLN A 226 -16.21 7.14 -13.32
N ARG A 227 -15.17 6.82 -14.08
CA ARG A 227 -15.40 6.18 -15.36
C ARG A 227 -15.93 4.74 -15.27
N ALA A 228 -15.72 4.08 -14.15
CA ALA A 228 -16.11 2.68 -14.01
C ALA A 228 -17.64 2.56 -14.07
N ALA A 229 -18.34 3.63 -13.69
CA ALA A 229 -19.80 3.70 -13.86
C ALA A 229 -20.17 3.40 -15.30
N LYS A 230 -19.48 4.06 -16.21
CA LYS A 230 -19.82 3.99 -17.61
C LYS A 230 -19.27 2.72 -18.23
N GLU A 231 -17.99 2.39 -18.03
CA GLU A 231 -17.39 1.28 -18.80
C GLU A 231 -17.08 0.01 -18.01
N GLY A 232 -17.50 -0.01 -16.75
CA GLY A 232 -17.17 -1.08 -15.84
C GLY A 232 -15.71 -1.05 -15.44
N ASN A 233 -15.27 -2.18 -14.87
CA ASN A 233 -14.03 -2.23 -14.16
C ASN A 233 -12.78 -2.26 -15.06
N SER A 234 -12.99 -2.32 -16.37
CA SER A 234 -11.92 -2.01 -17.30
C SER A 234 -11.33 -0.61 -17.09
N ALA A 235 -12.09 0.30 -16.48
CA ALA A 235 -11.61 1.66 -16.17
C ALA A 235 -10.35 1.64 -15.32
N TYR A 236 -10.13 0.58 -14.54
CA TYR A 236 -8.96 0.46 -13.66
C TYR A 236 -7.75 -0.19 -14.32
N VAL A 237 -8.01 -0.87 -15.43
CA VAL A 237 -7.00 -1.58 -16.18
C VAL A 237 -6.21 -0.64 -17.07
N ASP A 238 -4.89 -0.73 -16.94
CA ASP A 238 -3.97 0.06 -17.73
C ASP A 238 -2.56 -0.44 -17.44
N ASN A 239 -2.01 -1.22 -18.37
CA ASN A 239 -0.82 -2.00 -18.07
C ASN A 239 0.48 -1.22 -18.18
N GLY A 240 0.37 0.08 -18.46
CA GLY A 240 1.51 0.99 -18.34
C GLY A 240 1.58 1.70 -17.00
N ALA A 241 0.65 1.37 -16.10
CA ALA A 241 0.53 2.15 -14.87
C ALA A 241 1.77 2.04 -13.99
N CYS A 242 2.29 0.83 -13.79
CA CYS A 242 3.49 0.67 -12.94
C CYS A 242 4.72 1.37 -13.55
N ARG A 243 4.85 1.32 -14.88
CA ARG A 243 5.91 2.08 -15.55
C ARG A 243 5.81 3.57 -15.27
N ALA A 244 4.58 4.10 -15.26
CA ALA A 244 4.35 5.53 -15.03
C ALA A 244 4.63 5.95 -13.59
N ILE A 245 4.20 5.13 -12.65
CA ILE A 245 4.52 5.35 -11.23
C ILE A 245 6.04 5.41 -11.01
N ALA A 246 6.76 4.45 -11.59
CA ALA A 246 8.22 4.42 -11.47
C ALA A 246 8.89 5.66 -12.11
N ALA A 247 8.43 6.01 -13.32
CA ALA A 247 8.94 7.19 -14.02
C ALA A 247 8.70 8.47 -13.22
N ALA A 248 7.50 8.63 -12.68
CA ALA A 248 7.23 9.74 -11.77
C ALA A 248 8.18 9.74 -10.57
N GLY A 249 8.40 8.59 -9.96
CA GLY A 249 9.34 8.49 -8.85
C GLY A 249 10.74 8.95 -9.26
N ARG A 250 11.17 8.49 -10.44
CA ARG A 250 12.52 8.73 -10.90
C ARG A 250 12.73 10.21 -11.12
N LYS A 251 11.73 10.85 -11.75
CA LYS A 251 11.78 12.29 -12.04
C LYS A 251 11.69 13.07 -10.76
N ARG A 252 10.90 12.60 -9.82
CA ARG A 252 10.85 13.27 -8.52
C ARG A 252 12.19 13.24 -7.76
N LEU A 253 12.86 12.08 -7.75
CA LEU A 253 14.15 11.98 -7.11
C LEU A 253 15.16 12.96 -7.68
N GLU A 254 15.26 13.02 -9.02
CA GLU A 254 16.26 13.89 -9.66
C GLU A 254 16.02 15.33 -9.21
N THR A 255 14.76 15.75 -9.24
CA THR A 255 14.38 17.08 -8.76
C THR A 255 14.79 17.34 -7.31
N ARG A 256 14.50 16.38 -6.45
CA ARG A 256 14.78 16.50 -5.03
C ARG A 256 16.28 16.67 -4.75
N LEU A 257 17.11 15.87 -5.43
CA LEU A 257 18.55 15.89 -5.16
C LEU A 257 19.14 17.25 -5.54
N ALA A 258 18.75 17.72 -6.72
CA ALA A 258 19.11 19.06 -7.18
C ALA A 258 18.70 20.17 -6.19
N SER A 259 17.42 20.23 -5.87
CA SER A 259 16.93 21.25 -4.96
C SER A 259 17.69 21.23 -3.63
N GLU A 260 18.27 20.09 -3.28
CA GLU A 260 19.00 19.95 -2.02
C GLU A 260 20.38 20.61 -2.01
N LYS A 261 20.96 20.85 -3.19
CA LYS A 261 22.40 21.14 -3.28
C LYS A 261 22.64 22.57 -3.71
ZN ZN B . 5.31 7.20 3.28
ZN ZN C . 1.82 8.25 2.44
NA NA D . -16.60 5.58 4.36
NA NA E . 6.28 -3.50 4.45
NA NA F . -16.04 0.19 -9.43
NA NA G . -3.88 0.36 -13.95
NA NA H . -15.50 -3.79 -17.89
NA NA I . -18.85 -1.58 -6.51
C1 COM J . 4.00 9.97 3.85
C2 COM J . 3.03 11.11 3.48
S1 COM J . 4.10 8.67 2.58
S2 COM J . 3.59 12.13 2.28
O1S COM J . 5.21 12.29 2.45
O2S COM J . 2.95 13.39 2.41
O3S COM J . 3.30 11.56 0.98
#